data_3BTZ
#
_entry.id   3BTZ
#
_cell.length_a   75.523
_cell.length_b   75.523
_cell.length_c   166.198
_cell.angle_alpha   90.00
_cell.angle_beta   90.00
_cell.angle_gamma   90.00
#
_symmetry.space_group_name_H-M   'P 41 21 2'
#
loop_
_entity.id
_entity.type
_entity.pdbx_description
1 polymer 'Alpha-ketoglutarate-dependent dioxygenase alkB homolog 2'
2 polymer "DNA (5'-D(*AP*GP*GP*TP*GP*AP*(2YR)P*AP*AP*TP*GP*CP*G)-3')"
3 polymer "DNA (5'-D(*DTP*DCP*DGP*DCP*DAP*DTP*DTP*DAP*DTP*DCP*DAP*DCP*DC)-3')"
4 water water
#
loop_
_entity_poly.entity_id
_entity_poly.type
_entity_poly.pdbx_seq_one_letter_code
_entity_poly.pdbx_strand_id
1 'polypeptide(L)'
;WRHIRAEGLDSSYTVLFGKAEADEIFQELEKEVEYFTGALARVQVFGKWHSVPRKQATYGDAGLTYTFSGLTLSPKPWIP
VLERIRDHVSGVTGQTFNFVLINRYKDGSDHIGEHRDDCRELAPGSPIASVSFGASRDFVFRHKDSRGKSPSRRVAVVRL
PLAHGSLLMMNHPTNTHWYHSLPVRKKVLAPRVNLTFRKILL
;
A
2 'polydeoxyribonucleotide' (DA)(DG)(DG)(DT)(DG)(DA)(2YR)(DA)(DA)(DT)(DG)(DC)(DG) B
3 'polydeoxyribonucleotide' (DT)(DC)(DG)(DC)(DA)(DT)(DT)(DA)(DT)(DC)(DA)(DC)(DC) C
#
loop_
_chem_comp.id
_chem_comp.type
_chem_comp.name
_chem_comp.formula
2YR non-polymer '2'-deoxy-N-(2-sulfanylethyl)cytidine 5'-(dihydrogen phosphate)' 'C11 H18 N3 O7 P S'
DA DNA linking 2'-DEOXYADENOSINE-5'-MONOPHOSPHATE 'C10 H14 N5 O6 P'
DC DNA linking 2'-DEOXYCYTIDINE-5'-MONOPHOSPHATE 'C9 H14 N3 O7 P'
DG DNA linking 2'-DEOXYGUANOSINE-5'-MONOPHOSPHATE 'C10 H14 N5 O7 P'
DT DNA linking THYMIDINE-5'-MONOPHOSPHATE 'C10 H15 N2 O8 P'
#
# COMPACT_ATOMS: atom_id res chain seq x y z
N TRP A 1 13.06 8.01 -13.38
CA TRP A 1 12.69 7.22 -12.18
C TRP A 1 13.82 7.23 -11.17
N ARG A 2 13.46 7.18 -9.90
CA ARG A 2 14.44 7.05 -8.82
C ARG A 2 14.51 5.60 -8.35
N HIS A 3 15.66 4.97 -8.58
CA HIS A 3 15.90 3.57 -8.21
C HIS A 3 16.39 3.41 -6.78
N ILE A 4 15.52 2.87 -5.94
CA ILE A 4 15.87 2.58 -4.55
C ILE A 4 16.46 1.19 -4.49
N ARG A 5 17.68 1.08 -3.96
CA ARG A 5 18.38 -0.20 -3.96
C ARG A 5 19.26 -0.43 -2.75
N ALA A 6 18.91 -1.46 -1.98
CA ALA A 6 19.79 -2.00 -0.95
C ALA A 6 19.79 -3.52 -1.10
N GLU A 7 20.44 -4.24 -0.18
CA GLU A 7 20.44 -5.70 -0.19
C GLU A 7 19.02 -6.29 -0.24
N GLY A 8 18.69 -6.93 -1.35
CA GLY A 8 17.39 -7.57 -1.51
C GLY A 8 16.23 -6.62 -1.70
N LEU A 9 16.54 -5.37 -2.04
CA LEU A 9 15.51 -4.35 -2.26
C LEU A 9 15.55 -3.82 -3.68
N ASP A 10 14.51 -4.14 -4.43
CA ASP A 10 14.38 -3.68 -5.80
C ASP A 10 13.05 -3.00 -5.98
N SER A 11 13.09 -1.68 -6.05
CA SER A 11 11.90 -0.84 -6.16
C SER A 11 12.20 0.52 -6.82
N SER A 12 11.15 1.21 -7.25
CA SER A 12 11.33 2.45 -8.00
C SER A 12 10.19 3.44 -7.83
N TYR A 13 10.51 4.74 -7.86
CA TYR A 13 9.59 5.82 -7.51
C TYR A 13 9.60 6.91 -8.56
N THR A 14 8.41 7.38 -8.91
CA THR A 14 8.23 8.40 -9.93
C THR A 14 6.92 9.09 -9.69
N VAL A 15 6.78 10.31 -10.21
CA VAL A 15 5.51 11.03 -10.04
C VAL A 15 4.69 10.90 -11.32
N LEU A 16 3.52 10.30 -11.21
CA LEU A 16 2.73 9.96 -12.38
C LEU A 16 1.86 11.10 -12.87
N PHE A 17 1.27 11.84 -11.92
CA PHE A 17 0.30 12.88 -12.23
C PHE A 17 0.78 14.26 -11.78
N GLY A 18 0.43 15.30 -12.56
CA GLY A 18 0.64 16.68 -12.14
C GLY A 18 -0.11 17.01 -10.85
N LYS A 19 0.03 18.26 -10.38
CA LYS A 19 -0.69 18.67 -9.19
C LYS A 19 -2.17 18.83 -9.51
N ALA A 20 -2.46 19.53 -10.60
CA ALA A 20 -3.83 19.76 -11.03
C ALA A 20 -4.57 18.44 -11.12
N GLU A 21 -4.01 17.51 -11.90
CA GLU A 21 -4.59 16.19 -12.09
C GLU A 21 -4.68 15.45 -10.78
N ALA A 22 -3.54 15.24 -10.13
CA ALA A 22 -3.57 14.54 -8.85
C ALA A 22 -4.61 15.12 -7.89
N ASP A 23 -4.75 16.44 -7.91
CA ASP A 23 -5.77 17.11 -7.12
C ASP A 23 -7.16 16.62 -7.54
N GLU A 24 -7.44 16.66 -8.84
CA GLU A 24 -8.71 16.18 -9.38
C GLU A 24 -8.99 14.76 -8.94
N ILE A 25 -8.04 13.88 -9.21
CA ILE A 25 -8.16 12.46 -8.89
C ILE A 25 -8.43 12.25 -7.41
N PHE A 26 -7.60 12.86 -6.57
CA PHE A 26 -7.80 12.81 -5.12
C PHE A 26 -9.24 13.15 -4.75
N GLN A 27 -9.81 14.12 -5.47
CA GLN A 27 -11.16 14.53 -5.16
C GLN A 27 -12.15 13.42 -5.48
N GLU A 28 -12.05 12.86 -6.69
CA GLU A 28 -12.91 11.74 -7.09
C GLU A 28 -12.78 10.57 -6.13
N LEU A 29 -11.54 10.22 -5.80
CA LEU A 29 -11.28 9.14 -4.87
C LEU A 29 -12.11 9.35 -3.65
N GLU A 30 -11.95 10.51 -3.03
CA GLU A 30 -12.70 10.85 -1.81
C GLU A 30 -14.20 10.72 -2.02
N LYS A 31 -14.67 11.24 -3.14
CA LYS A 31 -16.08 11.17 -3.51
C LYS A 31 -16.60 9.73 -3.67
N GLU A 32 -15.80 8.85 -4.26
CA GLU A 32 -16.28 7.53 -4.72
C GLU A 32 -15.97 6.32 -3.82
N VAL A 33 -14.74 6.24 -3.30
CA VAL A 33 -14.32 5.06 -2.56
C VAL A 33 -15.20 4.82 -1.35
N GLU A 34 -15.78 3.62 -1.27
CA GLU A 34 -16.57 3.21 -0.12
C GLU A 34 -15.69 2.37 0.81
N TYR A 35 -15.46 2.85 2.03
CA TYR A 35 -14.52 2.18 2.94
C TYR A 35 -15.23 1.17 3.82
N PHE A 36 -14.47 0.18 4.30
CA PHE A 36 -15.01 -0.84 5.20
C PHE A 36 -15.21 -0.23 6.57
N THR A 37 -16.25 -0.70 7.27
CA THR A 37 -16.54 -0.25 8.63
C THR A 37 -16.96 -1.43 9.51
N GLY A 38 -17.14 -1.18 10.81
CA GLY A 38 -17.55 -2.24 11.76
C GLY A 38 -16.64 -3.46 11.71
N ALA A 39 -17.27 -4.63 11.71
CA ALA A 39 -16.61 -5.93 11.59
C ALA A 39 -15.50 -6.03 10.55
N LEU A 40 -15.70 -5.38 9.40
CA LEU A 40 -14.77 -5.46 8.28
C LEU A 40 -13.57 -4.54 8.43
N ALA A 41 -13.30 -4.10 9.67
CA ALA A 41 -12.11 -3.28 9.89
C ALA A 41 -11.39 -3.57 11.19
N ARG A 42 -11.63 -4.75 11.73
CA ARG A 42 -11.02 -5.09 13.00
C ARG A 42 -10.17 -6.33 12.85
N VAL A 43 -8.86 -6.13 12.85
CA VAL A 43 -7.90 -7.23 12.80
C VAL A 43 -7.61 -7.77 14.20
N GLN A 44 -6.91 -8.91 14.24
CA GLN A 44 -6.53 -9.57 15.49
C GLN A 44 -5.03 -9.77 15.42
N VAL A 45 -4.34 -9.38 16.49
CA VAL A 45 -2.89 -9.50 16.57
C VAL A 45 -2.55 -9.79 18.01
N PHE A 46 -1.65 -10.74 18.21
CA PHE A 46 -1.38 -11.28 19.54
C PHE A 46 -2.66 -11.60 20.30
N GLY A 47 -3.66 -12.09 19.56
CA GLY A 47 -4.93 -12.50 20.16
C GLY A 47 -5.72 -11.35 20.74
N LYS A 48 -5.50 -10.15 20.18
CA LYS A 48 -6.19 -8.95 20.61
C LYS A 48 -6.81 -8.27 19.41
N TRP A 49 -8.11 -8.03 19.50
CA TRP A 49 -8.84 -7.40 18.39
C TRP A 49 -8.70 -5.87 18.40
N HIS A 50 -8.67 -5.27 17.22
CA HIS A 50 -8.48 -3.83 17.10
C HIS A 50 -9.15 -3.32 15.83
N SER A 51 -9.74 -2.13 15.92
CA SER A 51 -10.16 -1.43 14.72
C SER A 51 -8.91 -0.83 14.08
N VAL A 52 -8.79 -0.91 12.77
CA VAL A 52 -7.58 -0.41 12.14
C VAL A 52 -7.47 1.10 12.33
N PRO A 53 -6.28 1.58 12.73
CA PRO A 53 -5.88 3.00 12.72
C PRO A 53 -5.89 3.62 11.33
N ARG A 54 -6.98 3.51 10.60
CA ARG A 54 -7.13 4.15 9.30
C ARG A 54 -8.42 3.65 8.72
N LYS A 55 -8.63 3.87 7.42
CA LYS A 55 -9.74 3.25 6.73
C LYS A 55 -9.24 2.45 5.53
N GLN A 56 -9.91 1.32 5.27
CA GLN A 56 -9.51 0.37 4.23
C GLN A 56 -10.58 0.16 3.21
N ALA A 57 -10.15 -0.23 2.01
CA ALA A 57 -11.07 -0.81 1.03
C ALA A 57 -10.35 -1.68 0.02
N THR A 58 -11.03 -2.74 -0.40
CA THR A 58 -10.55 -3.60 -1.47
C THR A 58 -11.50 -3.54 -2.64
N TYR A 59 -10.96 -3.18 -3.79
CA TYR A 59 -11.67 -3.27 -5.05
C TYR A 59 -10.93 -4.25 -5.91
N GLY A 60 -11.67 -5.06 -6.67
CA GLY A 60 -11.07 -6.02 -7.61
C GLY A 60 -12.01 -6.92 -8.39
N ASP A 61 -11.43 -7.81 -9.20
CA ASP A 61 -12.20 -8.82 -9.95
C ASP A 61 -12.98 -9.73 -9.01
N ALA A 62 -14.08 -10.27 -9.52
CA ALA A 62 -14.94 -11.17 -8.73
C ALA A 62 -14.19 -12.43 -8.31
N GLY A 63 -14.54 -12.96 -7.13
CA GLY A 63 -14.00 -14.22 -6.67
C GLY A 63 -12.80 -14.10 -5.75
N LEU A 64 -11.86 -13.22 -6.09
CA LEU A 64 -10.66 -13.00 -5.29
C LEU A 64 -11.02 -12.61 -3.86
N THR A 65 -10.13 -12.89 -2.91
CA THR A 65 -10.24 -12.31 -1.56
C THR A 65 -8.85 -12.03 -0.98
N TYR A 66 -8.80 -11.16 0.03
CA TYR A 66 -7.55 -10.67 0.60
C TYR A 66 -7.61 -10.82 2.11
N THR A 67 -6.67 -11.55 2.68
CA THR A 67 -6.72 -11.90 4.09
C THR A 67 -5.41 -11.53 4.76
N PHE A 68 -5.52 -10.81 5.87
CA PHE A 68 -4.38 -10.58 6.74
C PHE A 68 -4.83 -10.47 8.19
N SER A 69 -3.86 -10.60 9.09
CA SER A 69 -4.07 -10.47 10.52
C SER A 69 -5.49 -10.81 11.00
N GLY A 70 -5.99 -11.96 10.57
CA GLY A 70 -7.24 -12.50 11.10
C GLY A 70 -8.49 -11.92 10.46
N LEU A 71 -8.32 -11.15 9.39
CA LEU A 71 -9.45 -10.55 8.70
C LEU A 71 -9.45 -10.88 7.19
N THR A 72 -10.59 -11.34 6.69
CA THR A 72 -10.74 -11.64 5.27
C THR A 72 -11.64 -10.62 4.56
N LEU A 73 -11.14 -10.02 3.49
CA LEU A 73 -11.92 -9.04 2.74
C LEU A 73 -12.11 -9.44 1.29
N SER A 74 -13.36 -9.70 0.91
CA SER A 74 -13.69 -9.90 -0.51
C SER A 74 -13.85 -8.54 -1.20
N PRO A 75 -13.37 -8.43 -2.46
CA PRO A 75 -13.31 -7.14 -3.12
C PRO A 75 -14.64 -6.67 -3.70
N LYS A 76 -14.78 -5.36 -3.78
CA LYS A 76 -15.92 -4.70 -4.38
C LYS A 76 -15.69 -4.58 -5.87
N PRO A 77 -16.78 -4.59 -6.67
CA PRO A 77 -16.68 -4.45 -8.12
C PRO A 77 -16.02 -3.14 -8.47
N TRP A 78 -15.18 -3.16 -9.51
CA TRP A 78 -14.46 -1.97 -9.95
C TRP A 78 -15.35 -0.74 -10.12
N ILE A 79 -14.73 0.42 -10.00
CA ILE A 79 -15.38 1.69 -10.34
C ILE A 79 -14.52 2.44 -11.35
N PRO A 80 -15.13 3.31 -12.17
CA PRO A 80 -14.42 3.93 -13.31
C PRO A 80 -13.11 4.62 -12.92
N VAL A 81 -13.06 5.19 -11.72
CA VAL A 81 -11.90 5.95 -11.26
C VAL A 81 -10.69 5.04 -11.18
N LEU A 82 -10.83 4.00 -10.38
CA LEU A 82 -9.75 3.07 -10.11
C LEU A 82 -9.37 2.31 -11.38
N GLU A 83 -10.40 1.88 -12.09
CA GLU A 83 -10.22 1.17 -13.34
C GLU A 83 -9.35 2.00 -14.29
N ARG A 84 -9.51 3.32 -14.25
CA ARG A 84 -8.70 4.21 -15.09
C ARG A 84 -7.25 4.25 -14.66
N ILE A 85 -7.03 4.23 -13.35
CA ILE A 85 -5.67 4.26 -12.82
C ILE A 85 -4.94 2.96 -13.12
N ARG A 86 -5.50 1.83 -12.71
CA ARG A 86 -4.84 0.54 -12.93
C ARG A 86 -4.43 0.38 -14.38
N ASP A 87 -5.33 0.75 -15.30
CA ASP A 87 -5.03 0.73 -16.72
C ASP A 87 -3.84 1.60 -17.03
N HIS A 88 -3.82 2.81 -16.49
CA HIS A 88 -2.68 3.70 -16.70
C HIS A 88 -1.41 3.05 -16.13
N VAL A 89 -1.49 2.58 -14.89
CA VAL A 89 -0.36 1.94 -14.22
C VAL A 89 0.11 0.70 -15.00
N SER A 90 -0.83 -0.22 -15.28
CA SER A 90 -0.58 -1.38 -16.15
C SER A 90 0.20 -0.97 -17.38
N GLY A 91 -0.27 0.09 -18.04
CA GLY A 91 0.33 0.59 -19.27
C GLY A 91 1.79 0.98 -19.10
N VAL A 92 2.10 1.64 -18.00
CA VAL A 92 3.43 2.22 -17.79
C VAL A 92 4.46 1.18 -17.36
N THR A 93 4.08 0.34 -16.40
CA THR A 93 4.96 -0.66 -15.84
C THR A 93 5.11 -1.90 -16.74
N GLY A 94 4.12 -2.11 -17.61
CA GLY A 94 4.02 -3.36 -18.36
C GLY A 94 3.13 -4.36 -17.62
N GLN A 95 3.31 -4.45 -16.30
CA GLN A 95 2.60 -5.41 -15.45
C GLN A 95 1.09 -5.25 -15.46
N THR A 96 0.37 -6.24 -14.95
CA THR A 96 -1.09 -6.18 -14.86
C THR A 96 -1.55 -6.48 -13.45
N PHE A 97 -2.74 -5.97 -13.11
CA PHE A 97 -3.28 -6.11 -11.74
C PHE A 97 -4.78 -6.34 -11.83
N ASN A 98 -5.29 -7.11 -10.89
CA ASN A 98 -6.69 -7.45 -10.86
C ASN A 98 -7.31 -7.08 -9.51
N PHE A 99 -6.54 -6.34 -8.70
CA PHE A 99 -6.92 -6.05 -7.33
C PHE A 99 -6.25 -4.78 -6.80
N VAL A 100 -6.90 -4.15 -5.81
CA VAL A 100 -6.32 -2.98 -5.16
C VAL A 100 -6.78 -2.84 -3.72
N LEU A 101 -5.80 -2.70 -2.83
CA LEU A 101 -6.05 -2.34 -1.44
C LEU A 101 -5.96 -0.84 -1.34
N ILE A 102 -6.96 -0.25 -0.71
CA ILE A 102 -6.94 1.19 -0.47
C ILE A 102 -6.88 1.47 1.02
N ASN A 103 -5.82 2.15 1.43
CA ASN A 103 -5.75 2.69 2.78
C ASN A 103 -5.79 4.20 2.72
N ARG A 104 -6.66 4.76 3.58
CA ARG A 104 -6.76 6.20 3.75
C ARG A 104 -6.40 6.59 5.18
N TYR A 105 -5.40 7.44 5.30
CA TYR A 105 -5.01 7.96 6.61
C TYR A 105 -5.51 9.40 6.77
N LYS A 106 -6.43 9.63 7.70
CA LYS A 106 -7.10 10.94 7.80
C LYS A 106 -6.10 12.06 8.15
N ASP A 107 -5.17 11.74 9.05
CA ASP A 107 -4.09 12.62 9.44
C ASP A 107 -2.87 11.78 9.83
N GLY A 108 -1.79 12.43 10.19
CA GLY A 108 -0.56 11.75 10.58
C GLY A 108 -0.63 10.92 11.84
N SER A 109 -1.82 10.72 12.40
CA SER A 109 -1.91 9.87 13.58
C SER A 109 -2.41 8.45 13.22
N ASP A 110 -3.24 8.38 12.17
CA ASP A 110 -3.55 7.15 11.45
C ASP A 110 -2.24 6.59 10.86
N HIS A 111 -2.03 5.29 11.02
CA HIS A 111 -0.81 4.64 10.55
C HIS A 111 -0.97 3.14 10.22
N ILE A 112 0.13 2.52 9.77
CA ILE A 112 0.18 1.08 9.58
C ILE A 112 1.47 0.51 10.16
N GLY A 113 1.33 -0.55 10.98
CA GLY A 113 2.47 -1.17 11.66
C GLY A 113 3.27 -2.06 10.72
N GLU A 114 4.45 -2.50 11.15
CA GLU A 114 5.36 -3.23 10.25
C GLU A 114 4.87 -4.61 9.82
N HIS A 115 5.12 -4.93 8.55
CA HIS A 115 4.73 -6.21 7.99
C HIS A 115 5.34 -6.39 6.61
N ARG A 116 5.25 -7.60 6.06
CA ARG A 116 5.50 -7.79 4.62
C ARG A 116 4.25 -8.26 3.91
N ASP A 117 4.23 -8.06 2.60
CA ASP A 117 3.18 -8.63 1.76
C ASP A 117 3.60 -10.04 1.32
N ASP A 118 3.11 -11.05 2.04
CA ASP A 118 3.52 -12.42 1.78
C ASP A 118 2.41 -13.42 2.12
N CYS A 119 1.32 -13.36 1.37
CA CYS A 119 0.21 -14.27 1.62
C CYS A 119 0.02 -15.17 0.42
N ARG A 120 -0.42 -16.41 0.70
CA ARG A 120 -0.68 -17.43 -0.32
C ARG A 120 -1.31 -16.83 -1.58
N GLU A 121 -2.27 -15.93 -1.39
CA GLU A 121 -3.04 -15.35 -2.50
C GLU A 121 -2.22 -14.45 -3.40
N LEU A 122 -1.05 -14.07 -2.92
CA LEU A 122 -0.19 -13.15 -3.64
C LEU A 122 0.63 -13.91 -4.69
N ALA A 123 0.56 -13.45 -5.93
CA ALA A 123 1.29 -14.09 -7.02
C ALA A 123 2.80 -14.03 -6.80
N PRO A 124 3.48 -15.20 -6.81
CA PRO A 124 4.93 -15.23 -6.59
C PRO A 124 5.69 -14.46 -7.66
N GLY A 125 6.37 -13.40 -7.23
CA GLY A 125 7.23 -12.61 -8.12
C GLY A 125 6.57 -11.36 -8.64
N SER A 126 5.24 -11.29 -8.50
CA SER A 126 4.47 -10.14 -8.96
C SER A 126 4.83 -8.87 -8.20
N PRO A 127 4.99 -7.75 -8.92
CA PRO A 127 5.31 -6.46 -8.30
C PRO A 127 4.05 -5.82 -7.73
N ILE A 128 4.22 -4.86 -6.81
CA ILE A 128 3.08 -4.10 -6.27
C ILE A 128 3.23 -2.62 -6.53
N ALA A 129 2.10 -1.99 -6.88
CA ALA A 129 2.06 -0.58 -7.27
C ALA A 129 1.42 0.29 -6.20
N SER A 130 2.24 1.05 -5.48
CA SER A 130 1.72 1.98 -4.47
C SER A 130 1.57 3.36 -5.10
N VAL A 131 0.32 3.81 -5.18
CA VAL A 131 0.00 5.08 -5.81
C VAL A 131 -0.59 5.91 -4.72
N SER A 132 0.03 7.04 -4.42
CA SER A 132 -0.37 7.85 -3.27
C SER A 132 -1.03 9.14 -3.73
N PHE A 133 -2.05 9.60 -3.00
CA PHE A 133 -2.62 10.92 -3.23
C PHE A 133 -2.85 11.62 -1.91
N GLY A 134 -2.88 12.95 -1.97
CA GLY A 134 -3.03 13.76 -0.75
C GLY A 134 -1.72 14.13 -0.10
N ALA A 135 -1.69 13.96 1.22
CA ALA A 135 -0.53 14.36 2.03
C ALA A 135 0.66 13.46 1.81
N SER A 136 1.85 14.04 1.72
CA SER A 136 3.07 13.24 1.79
C SER A 136 3.16 12.56 3.14
N ARG A 137 3.65 11.32 3.10
CA ARG A 137 3.93 10.54 4.29
C ARG A 137 5.22 9.80 4.08
N ASP A 138 5.86 9.43 5.18
CA ASP A 138 7.10 8.69 5.09
C ASP A 138 6.77 7.22 5.12
N PHE A 139 7.34 6.52 4.14
CA PHE A 139 7.18 5.08 3.99
C PHE A 139 8.49 4.48 4.40
N VAL A 140 8.46 3.52 5.32
CA VAL A 140 9.70 2.98 5.87
C VAL A 140 9.88 1.49 5.61
N PHE A 141 11.05 1.17 5.05
CA PHE A 141 11.51 -0.19 4.84
C PHE A 141 12.58 -0.60 5.86
N ARG A 142 12.33 -1.68 6.59
CA ARG A 142 13.37 -2.32 7.40
C ARG A 142 13.62 -3.74 6.92
N HIS A 143 14.86 -4.21 7.06
CA HIS A 143 15.25 -5.51 6.54
C HIS A 143 14.96 -6.68 7.48
N LYS A 144 14.54 -7.80 6.89
CA LYS A 144 14.21 -9.06 7.59
C LYS A 144 15.13 -9.40 8.77
N ASP A 145 16.44 -9.44 8.51
CA ASP A 145 17.42 -9.88 9.51
C ASP A 145 17.91 -8.75 10.44
N SER A 146 17.29 -7.58 10.34
CA SER A 146 17.74 -6.38 11.07
C SER A 146 16.89 -6.02 12.29
N ARG A 147 15.69 -6.61 12.37
CA ARG A 147 14.76 -6.34 13.46
C ARG A 147 15.08 -7.18 14.70
N GLY A 148 14.63 -6.73 15.86
CA GLY A 148 14.75 -7.49 17.10
C GLY A 148 15.92 -7.11 18.02
N LYS A 149 15.78 -7.50 19.28
CA LYS A 149 16.75 -7.20 20.36
C LYS A 149 18.22 -7.15 19.93
N SER A 150 18.70 -8.22 19.31
CA SER A 150 20.04 -8.27 18.72
C SER A 150 19.96 -8.99 17.37
N PRO A 151 20.00 -8.23 16.26
CA PRO A 151 19.76 -8.75 14.92
C PRO A 151 20.87 -9.66 14.40
N SER A 152 20.56 -10.37 13.32
CA SER A 152 21.55 -11.16 12.59
C SER A 152 22.60 -10.24 11.96
N ARG A 153 22.14 -9.33 11.11
CA ARG A 153 22.98 -8.24 10.58
C ARG A 153 22.28 -6.90 10.84
N ARG A 154 23.05 -5.82 10.85
CA ARG A 154 22.49 -4.46 10.92
C ARG A 154 22.69 -3.73 9.59
N VAL A 155 21.57 -3.43 8.93
CA VAL A 155 21.59 -2.68 7.67
C VAL A 155 20.83 -1.37 7.77
N ALA A 156 21.27 -0.38 6.99
CA ALA A 156 20.65 0.93 6.95
C ALA A 156 19.15 0.81 6.69
N VAL A 157 18.37 1.43 7.58
CA VAL A 157 16.94 1.60 7.39
C VAL A 157 16.73 2.42 6.11
N VAL A 158 15.71 2.10 5.31
CA VAL A 158 15.43 2.89 4.12
C VAL A 158 14.13 3.66 4.25
N ARG A 159 14.26 4.97 4.33
CA ARG A 159 13.14 5.87 4.54
C ARG A 159 12.90 6.67 3.27
N LEU A 160 11.64 6.97 2.98
CA LEU A 160 11.32 7.86 1.87
C LEU A 160 9.90 8.40 1.89
N PRO A 161 9.72 9.65 1.45
CA PRO A 161 8.41 10.28 1.46
C PRO A 161 7.65 9.97 0.18
N LEU A 162 6.38 9.60 0.30
CA LEU A 162 5.58 9.32 -0.88
C LEU A 162 4.71 10.51 -1.23
N ALA A 163 5.16 11.27 -2.23
CA ALA A 163 4.50 12.51 -2.60
C ALA A 163 3.12 12.33 -3.26
N HIS A 164 2.41 13.44 -3.36
CA HIS A 164 1.09 13.52 -3.98
C HIS A 164 1.16 13.07 -5.45
N GLY A 165 0.32 12.11 -5.80
CA GLY A 165 0.23 11.58 -7.17
C GLY A 165 1.43 10.78 -7.63
N SER A 166 2.11 10.14 -6.67
CA SER A 166 3.35 9.40 -6.96
C SER A 166 3.13 7.89 -7.00
N LEU A 167 4.02 7.23 -7.78
CA LEU A 167 4.09 5.77 -7.84
C LEU A 167 5.33 5.22 -7.14
N LEU A 168 5.11 4.21 -6.33
CA LEU A 168 6.19 3.37 -5.84
C LEU A 168 5.94 1.98 -6.34
N MET A 169 6.94 1.43 -7.02
CA MET A 169 6.89 0.09 -7.57
C MET A 169 7.67 -0.84 -6.67
N MET A 170 6.98 -1.77 -6.02
CA MET A 170 7.67 -2.76 -5.21
C MET A 170 7.89 -4.12 -5.93
N ASN A 171 9.01 -4.21 -6.66
CA ASN A 171 9.37 -5.39 -7.45
C ASN A 171 9.90 -6.54 -6.59
N HIS A 172 10.23 -7.65 -7.22
CA HIS A 172 10.69 -8.83 -6.51
C HIS A 172 12.23 -8.88 -6.48
N PRO A 173 12.84 -9.34 -5.34
CA PRO A 173 12.32 -9.93 -4.12
C PRO A 173 12.10 -8.95 -2.95
N THR A 174 11.62 -7.74 -3.24
CA THR A 174 11.50 -6.73 -2.20
C THR A 174 10.68 -7.25 -1.03
N ASN A 175 9.44 -7.64 -1.31
CA ASN A 175 8.52 -8.06 -0.24
C ASN A 175 8.81 -9.42 0.40
N THR A 176 9.91 -10.04 -0.02
CA THR A 176 10.38 -11.24 0.62
C THR A 176 11.34 -10.84 1.74
N HIS A 177 12.14 -9.81 1.45
CA HIS A 177 13.27 -9.46 2.30
C HIS A 177 13.07 -8.24 3.20
N TRP A 178 12.08 -7.42 2.87
CA TRP A 178 11.92 -6.14 3.54
C TRP A 178 10.55 -5.91 4.11
N TYR A 179 10.55 -5.55 5.40
CA TYR A 179 9.36 -5.07 6.10
C TYR A 179 9.09 -3.63 5.73
N HIS A 180 7.81 -3.26 5.68
CA HIS A 180 7.45 -1.87 5.42
C HIS A 180 6.42 -1.36 6.41
N SER A 181 6.33 -0.04 6.53
CA SER A 181 5.35 0.62 7.44
C SER A 181 5.16 2.06 7.05
N LEU A 182 4.10 2.66 7.59
CA LEU A 182 3.88 4.11 7.54
C LEU A 182 3.71 4.60 8.96
N PRO A 183 4.80 5.12 9.57
CA PRO A 183 4.78 5.47 10.99
C PRO A 183 3.96 6.74 11.27
N VAL A 184 3.57 6.91 12.53
CA VAL A 184 2.89 8.13 12.96
C VAL A 184 3.73 9.38 12.66
N ARG A 185 3.02 10.45 12.31
CA ARG A 185 3.62 11.71 11.87
C ARG A 185 2.78 12.87 12.40
N LYS A 186 2.89 13.13 13.70
CA LYS A 186 2.03 14.08 14.40
C LYS A 186 1.85 15.41 13.67
N LYS A 187 2.91 15.93 13.06
CA LYS A 187 2.86 17.22 12.40
C LYS A 187 2.02 17.20 11.12
N VAL A 188 1.42 16.07 10.80
CA VAL A 188 0.59 16.00 9.59
C VAL A 188 -0.88 16.14 9.96
N LEU A 189 -1.58 16.98 9.21
CA LEU A 189 -2.95 17.32 9.52
C LEU A 189 -3.88 16.92 8.41
N ALA A 190 -3.34 16.88 7.19
CA ALA A 190 -4.11 16.53 6.00
C ALA A 190 -4.28 15.01 5.85
N PRO A 191 -5.24 14.57 5.00
CA PRO A 191 -5.40 13.15 4.74
C PRO A 191 -4.53 12.66 3.58
N ARG A 192 -4.31 11.35 3.55
CA ARG A 192 -3.62 10.67 2.45
C ARG A 192 -4.40 9.41 2.03
N VAL A 193 -4.52 9.20 0.72
CA VAL A 193 -5.15 8.00 0.19
C VAL A 193 -4.13 7.22 -0.64
N ASN A 194 -3.91 5.96 -0.26
CA ASN A 194 -2.93 5.15 -0.95
C ASN A 194 -3.54 3.93 -1.62
N LEU A 195 -3.12 3.71 -2.86
CA LEU A 195 -3.61 2.60 -3.65
C LEU A 195 -2.50 1.60 -3.90
N THR A 196 -2.62 0.41 -3.28
CA THR A 196 -1.71 -0.69 -3.63
C THR A 196 -2.42 -1.65 -4.54
N PHE A 197 -1.96 -1.67 -5.79
CA PHE A 197 -2.47 -2.57 -6.80
C PHE A 197 -1.61 -3.81 -6.83
N ARG A 198 -2.25 -4.97 -6.88
CA ARG A 198 -1.53 -6.23 -6.96
C ARG A 198 -2.24 -7.31 -7.76
N LYS A 199 -1.54 -8.43 -7.98
CA LYS A 199 -2.09 -9.57 -8.69
C LYS A 199 -2.39 -10.70 -7.71
N ILE A 200 -3.66 -11.11 -7.64
CA ILE A 200 -4.10 -12.13 -6.69
C ILE A 200 -4.47 -13.45 -7.38
N LEU A 201 -4.51 -14.52 -6.59
CA LEU A 201 -4.69 -15.88 -7.07
C LEU A 201 -6.06 -16.48 -6.72
N LEU A 202 -6.58 -17.30 -7.62
CA LEU A 202 -7.64 -18.29 -7.31
C LEU A 202 -8.83 -17.74 -6.54
P 2YR B 7 0.64 -8.88 12.02
OP1 2YR B 7 0.09 -9.70 13.13
OP2 2YR B 7 0.16 -9.00 10.62
O5' 2YR B 7 0.46 -7.32 12.35
C5' 2YR B 7 1.41 -6.37 11.78
C4' 2YR B 7 0.79 -5.15 11.13
O4' 2YR B 7 0.88 -5.26 9.69
C3' 2YR B 7 -0.69 -4.88 11.38
O3' 2YR B 7 -0.87 -3.50 11.12
C2' 2YR B 7 -1.33 -5.70 10.28
C1' 2YR B 7 -0.42 -5.30 9.14
N1 2YR B 7 -0.44 -6.23 7.99
C2 2YR B 7 -1.08 -5.88 6.81
O2 2YR B 7 -1.62 -4.76 6.73
N3 2YR B 7 -1.09 -6.75 5.76
C4 2YR B 7 -0.49 -7.94 5.89
N4 2YR B 7 -0.49 -8.81 4.87
C5 2YR B 7 0.17 -8.33 7.09
C6 2YR B 7 0.17 -7.46 8.11
S 2YR B 7 -0.49 -10.30 1.79
C8 2YR B 7 -1.72 -9.66 2.95
C9 2YR B 7 -1.12 -8.44 3.60
#